data_8HXE
#
_entry.id   8HXE
#
_cell.length_a   75.525
_cell.length_b   75.525
_cell.length_c   181.039
_cell.angle_alpha   90.00
_cell.angle_beta   90.00
_cell.angle_gamma   90.00
#
_symmetry.space_group_name_H-M   'P 41 21 2'
#
loop_
_entity.id
_entity.type
_entity.pdbx_description
1 polymer 'Metallo-beta-lactamase L1 type 3'
2 non-polymer 'ZINC ION'
3 non-polymer '2-azanyl-5-[(4-propylphenyl)methyl]-1,3-thiazole-4-carboxylic acid'
4 non-polymer 'THIOCYANATE ION'
5 water water
#
_entity_poly.entity_id   1
_entity_poly.type   'polypeptide(L)'
_entity_poly.pdbx_seq_one_letter_code
;EVPLPQLRAYTVDASWLQPMAPLQIADHTWQIGTEDLTALLVQTPDGAVLLDGGMPQMASHLLDNMKARGVTPRDLRLIL
LSHAHADHAGPVAELKRRTGAKVAANAESAVLLARGGSDDLHFGDGITYPPANADRIVMDGEVITVGGIVFTAHFMAGHT
PGSTAWTWTDTRNGKPVRIAYADSLSAPGYQLQGNPRYPHLIEDYRRSFATVRALPCDVLLTPHPGASNWDYAAGARAGA
KALTCKAYADAAEQKFDGQLAKETAG
;
_entity_poly.pdbx_strand_id   A,B
#
loop_
_chem_comp.id
_chem_comp.type
_chem_comp.name
_chem_comp.formula
51I non-polymer '2-azanyl-5-[(4-propylphenyl)methyl]-1,3-thiazole-4-carboxylic acid' 'C14 H16 N2 O2 S'
SCN non-polymer 'THIOCYANATE ION' 'C N S -1'
ZN non-polymer 'ZINC ION' 'Zn 2'
#
# COMPACT_ATOMS: atom_id res chain seq x y z
N GLU A 1 1.07 43.02 -8.59
CA GLU A 1 -0.05 43.10 -7.65
C GLU A 1 0.05 41.98 -6.64
N VAL A 2 0.50 42.33 -5.44
CA VAL A 2 0.57 41.45 -4.28
C VAL A 2 1.15 40.08 -4.65
N PRO A 3 2.36 39.78 -4.19
CA PRO A 3 2.91 38.41 -4.30
C PRO A 3 1.97 37.25 -4.01
N LEU A 4 2.55 36.05 -4.10
CA LEU A 4 1.97 34.71 -3.96
C LEU A 4 2.06 34.28 -2.50
N PRO A 5 3.21 34.48 -1.86
CA PRO A 5 3.27 34.30 -0.42
C PRO A 5 2.72 35.47 0.37
N GLN A 6 2.27 36.53 -0.28
CA GLN A 6 1.61 37.60 0.46
C GLN A 6 0.17 37.27 0.74
N LEU A 7 -0.44 36.36 -0.01
CA LEU A 7 -1.81 35.96 0.30
C LEU A 7 -2.42 35.04 -0.75
N ARG A 8 -3.04 33.90 -0.40
CA ARG A 8 -2.82 32.95 0.76
C ARG A 8 -2.71 33.39 2.24
N ALA A 9 -3.80 33.29 3.00
CA ALA A 9 -3.84 33.74 4.40
C ALA A 9 -4.32 32.63 5.31
N TYR A 10 -3.42 32.16 6.19
CA TYR A 10 -3.68 31.04 7.09
C TYR A 10 -4.32 31.49 8.40
N THR A 11 -5.57 31.09 8.63
CA THR A 11 -6.09 31.18 9.98
C THR A 11 -5.21 30.34 10.90
N VAL A 12 -4.75 30.91 11.99
CA VAL A 12 -3.99 30.20 13.00
C VAL A 12 -4.60 30.56 14.33
N ASP A 13 -4.99 29.56 15.11
CA ASP A 13 -5.31 29.80 16.51
C ASP A 13 -4.01 29.87 17.28
N ALA A 14 -3.74 30.99 17.94
CA ALA A 14 -2.54 31.11 18.76
C ALA A 14 -2.48 30.05 19.87
N SER A 15 -3.61 29.41 20.21
CA SER A 15 -3.65 28.38 21.25
C SER A 15 -3.19 27.00 20.77
N TRP A 16 -3.31 26.72 19.49
CA TRP A 16 -2.74 25.48 18.99
C TRP A 16 -1.23 25.57 18.98
N LEU A 17 -0.61 24.40 19.09
CA LEU A 17 0.83 24.25 18.90
C LEU A 17 1.64 25.00 19.95
N GLN A 18 1.07 25.20 21.13
CA GLN A 18 1.80 25.89 22.20
C GLN A 18 2.99 25.01 22.53
N PRO A 19 4.23 25.44 22.26
CA PRO A 19 5.36 24.53 22.40
C PRO A 19 5.56 24.11 23.85
N MET A 20 6.49 23.15 24.01
CA MET A 20 6.74 22.47 25.27
C MET A 20 8.03 21.69 25.10
N ALA A 21 8.91 21.77 26.11
CA ALA A 21 10.19 21.09 26.08
C ALA A 21 9.99 19.65 26.49
N PRO A 22 10.98 18.80 26.25
CA PRO A 22 10.76 17.36 26.34
C PRO A 22 10.08 16.95 27.63
N LEU A 23 9.00 16.18 27.49
CA LEU A 23 8.26 15.53 28.58
C LEU A 23 8.58 14.05 28.54
N GLN A 24 9.43 13.59 29.47
CA GLN A 24 9.98 12.22 29.40
C GLN A 24 8.89 11.18 29.68
N ILE A 25 8.99 10.05 28.97
CA ILE A 25 7.99 9.00 29.12
C ILE A 25 8.66 7.75 29.67
N ALA A 26 9.93 7.57 29.36
CA ALA A 26 10.69 6.40 29.79
C ALA A 26 12.16 6.72 29.66
N ASP A 27 13.00 5.87 30.25
CA ASP A 27 14.43 6.11 30.19
C ASP A 27 14.76 6.80 28.87
N HIS A 28 14.37 6.19 27.74
CA HIS A 28 14.87 6.57 26.42
C HIS A 28 13.88 7.31 25.51
N THR A 29 12.60 7.40 25.85
CA THR A 29 11.59 7.94 24.95
C THR A 29 10.97 9.21 25.53
N TRP A 30 11.00 10.31 24.76
CA TRP A 30 10.44 11.59 25.19
C TRP A 30 9.41 12.14 24.21
N GLN A 31 8.48 12.93 24.74
CA GLN A 31 7.43 13.60 23.99
C GLN A 31 7.85 15.04 23.67
N ILE A 32 8.58 15.21 22.55
CA ILE A 32 9.13 16.52 22.20
C ILE A 32 8.18 17.33 21.34
N GLY A 33 6.95 16.87 21.19
CA GLY A 33 6.09 17.58 20.28
C GLY A 33 5.67 18.93 20.79
N THR A 34 4.40 19.20 20.61
CA THR A 34 3.77 20.30 21.28
C THR A 34 2.78 19.69 22.26
N GLU A 35 1.98 20.53 22.89
CA GLU A 35 1.08 20.04 23.92
C GLU A 35 -0.14 19.34 23.34
N ASP A 36 -0.59 19.74 22.15
CA ASP A 36 -1.81 19.15 21.56
C ASP A 36 -1.51 18.09 20.50
N LEU A 37 -0.24 17.73 20.30
CA LEU A 37 0.16 16.84 19.21
C LEU A 37 1.39 16.06 19.63
N THR A 38 1.28 14.73 19.67
CA THR A 38 2.41 13.87 20.01
C THR A 38 3.54 13.96 18.98
N ALA A 39 4.77 13.77 19.46
CA ALA A 39 5.95 13.67 18.63
C ALA A 39 7.07 13.07 19.45
N LEU A 40 7.24 11.76 19.40
CA LEU A 40 8.07 11.05 20.36
C LEU A 40 9.48 10.87 19.82
N LEU A 41 10.45 11.41 20.54
CA LEU A 41 11.85 11.15 20.28
C LEU A 41 12.31 10.04 21.22
N VAL A 42 13.02 9.06 20.67
CA VAL A 42 13.63 8.00 21.46
C VAL A 42 15.11 7.95 21.11
N GLN A 43 15.97 8.17 22.11
CA GLN A 43 17.40 8.29 21.82
C GLN A 43 18.07 6.94 21.94
N THR A 44 19.15 6.76 21.19
CA THR A 44 19.86 5.50 21.20
C THR A 44 21.33 5.77 20.94
N PRO A 45 22.21 4.81 21.29
CA PRO A 45 23.65 5.01 21.05
C PRO A 45 24.01 5.13 19.59
N ASP A 46 23.22 4.50 18.72
CA ASP A 46 23.48 4.49 17.29
C ASP A 46 22.96 5.78 16.66
N GLY A 47 21.72 6.17 16.99
CA GLY A 47 21.13 7.43 16.59
C GLY A 47 19.96 7.89 17.45
N ALA A 48 18.91 8.40 16.81
CA ALA A 48 17.64 8.69 17.47
C ALA A 48 16.53 8.57 16.44
N VAL A 49 15.33 8.20 16.88
CA VAL A 49 14.23 8.05 15.94
C VAL A 49 13.09 8.92 16.42
N LEU A 50 12.39 9.50 15.46
CA LEU A 50 11.23 10.35 15.75
C LEU A 50 9.97 9.67 15.23
N LEU A 51 8.95 9.62 16.06
CA LEU A 51 7.67 9.06 15.68
C LEU A 51 6.70 10.24 15.59
N ASP A 52 6.27 10.59 14.38
CA ASP A 52 5.36 11.69 14.15
C ASP A 52 6.06 13.03 14.40
N GLY A 53 5.48 14.11 13.94
CA GLY A 53 6.19 15.37 13.98
C GLY A 53 5.19 16.47 14.21
N GLY A 54 3.99 16.25 13.73
CA GLY A 54 2.96 17.21 13.96
C GLY A 54 2.70 18.01 12.70
N MET A 55 2.43 19.29 12.87
CA MET A 55 2.11 20.19 11.79
C MET A 55 3.38 20.75 11.17
N PRO A 56 3.29 21.34 9.99
CA PRO A 56 4.53 21.78 9.27
C PRO A 56 5.29 22.89 9.97
N GLN A 57 4.59 23.76 10.71
CA GLN A 57 5.23 24.77 11.57
C GLN A 57 6.31 24.13 12.44
N MET A 58 5.95 23.01 13.08
CA MET A 58 6.63 22.48 14.24
C MET A 58 8.05 22.05 13.99
N ALA A 59 8.52 22.08 12.75
CA ALA A 59 9.82 21.48 12.49
C ALA A 59 10.88 22.11 13.39
N SER A 60 10.92 23.43 13.45
CA SER A 60 12.00 24.08 14.18
C SER A 60 11.84 23.97 15.69
N HIS A 61 10.61 24.01 16.21
CA HIS A 61 10.47 23.67 17.60
C HIS A 61 10.82 22.20 17.89
N LEU A 62 10.55 21.25 16.99
CA LEU A 62 10.98 19.88 17.24
C LEU A 62 12.49 19.80 17.24
N LEU A 63 13.11 20.38 16.21
CA LEU A 63 14.56 20.36 16.07
C LEU A 63 15.25 20.99 17.28
N ASP A 64 14.60 21.97 17.93
CA ASP A 64 15.10 22.54 19.18
C ASP A 64 15.18 21.43 20.21
N ASN A 65 14.02 20.91 20.63
CA ASN A 65 14.01 19.86 21.64
C ASN A 65 14.90 18.70 21.30
N MET A 66 15.25 18.50 20.04
CA MET A 66 16.22 17.46 19.73
C MET A 66 17.64 17.85 20.14
N LYS A 67 17.90 19.15 20.32
CA LYS A 67 19.16 19.58 20.90
C LYS A 67 19.09 19.64 22.42
N ALA A 68 17.98 20.15 22.98
CA ALA A 68 17.73 20.10 24.41
C ALA A 68 17.77 18.67 24.98
N ARG A 69 17.71 17.64 24.13
CA ARG A 69 17.85 16.27 24.57
C ARG A 69 19.12 15.66 24.01
N GLY A 70 20.02 16.48 23.49
CA GLY A 70 21.28 16.00 22.98
C GLY A 70 21.21 15.14 21.73
N VAL A 71 20.50 15.63 20.72
CA VAL A 71 20.37 14.95 19.43
C VAL A 71 20.76 15.94 18.34
N THR A 72 21.84 15.67 17.67
CA THR A 72 22.19 16.55 16.57
C THR A 72 21.49 16.11 15.29
N PRO A 73 21.13 17.06 14.40
CA PRO A 73 20.64 16.67 13.07
C PRO A 73 21.23 15.37 12.52
N ARG A 74 22.55 15.16 12.65
CA ARG A 74 23.18 13.91 12.21
C ARG A 74 22.73 12.70 13.01
N ASP A 75 22.38 12.92 14.27
CA ASP A 75 21.96 11.83 15.16
C ASP A 75 20.52 11.42 14.93
N LEU A 76 19.77 12.18 14.13
CA LEU A 76 18.40 11.81 13.77
C LEU A 76 18.50 10.89 12.57
N ARG A 77 18.17 9.62 12.76
CA ARG A 77 18.41 8.63 11.73
C ARG A 77 17.14 8.19 11.01
N LEU A 78 16.04 8.10 11.73
CA LEU A 78 14.86 7.42 11.26
C LEU A 78 13.64 8.15 11.72
N ILE A 79 12.66 8.25 10.83
CA ILE A 79 11.38 8.86 11.12
C ILE A 79 10.30 7.83 10.81
N LEU A 80 9.43 7.62 11.77
CA LEU A 80 8.31 6.71 11.66
C LEU A 80 7.08 7.57 11.73
N LEU A 81 6.00 7.14 11.09
CA LEU A 81 4.78 7.84 11.42
C LEU A 81 3.60 6.91 11.61
N SER A 82 2.56 7.59 12.02
CA SER A 82 1.33 7.03 12.48
C SER A 82 0.40 6.99 11.30
N HIS A 83 0.15 8.17 10.74
CA HIS A 83 -0.46 8.29 9.44
C HIS A 83 -0.09 9.65 8.82
N ALA A 84 -0.29 9.71 7.51
CA ALA A 84 0.29 10.74 6.66
C ALA A 84 -0.65 11.90 6.49
N HIS A 85 -1.17 12.39 7.57
CA HIS A 85 -2.01 13.58 7.52
C HIS A 85 -1.18 14.78 7.93
N ALA A 86 -1.60 15.93 7.45
CA ALA A 86 -0.80 17.14 7.61
C ALA A 86 -0.42 17.43 9.06
N ASP A 87 -1.26 17.05 10.04
CA ASP A 87 -1.00 17.36 11.46
C ASP A 87 -0.17 16.30 12.18
N HIS A 88 0.37 15.28 11.46
CA HIS A 88 1.28 14.31 12.04
C HIS A 88 2.50 14.09 11.17
N ALA A 89 2.32 14.14 9.85
CA ALA A 89 3.44 14.14 8.92
C ALA A 89 3.82 15.53 8.42
N GLY A 90 3.10 16.60 8.79
CA GLY A 90 3.41 17.95 8.35
C GLY A 90 4.89 18.26 8.06
N PRO A 91 5.80 18.08 9.02
CA PRO A 91 7.17 18.59 8.89
C PRO A 91 8.23 17.62 8.40
N VAL A 92 7.82 16.43 7.96
CA VAL A 92 8.75 15.35 7.60
C VAL A 92 9.68 15.82 6.50
N ALA A 93 9.14 16.50 5.49
CA ALA A 93 9.98 16.89 4.36
C ALA A 93 11.10 17.80 4.81
N GLU A 94 10.75 18.92 5.44
CA GLU A 94 11.73 19.83 6.00
C GLU A 94 12.76 19.07 6.85
N LEU A 95 12.31 18.28 7.83
CA LEU A 95 13.25 17.59 8.69
C LEU A 95 14.18 16.73 7.89
N LYS A 96 13.70 16.16 6.78
CA LYS A 96 14.59 15.34 5.95
C LYS A 96 15.66 16.19 5.30
N ARG A 97 15.29 17.41 4.91
CA ARG A 97 16.25 18.35 4.38
C ARG A 97 17.22 18.88 5.44
N ARG A 98 16.80 18.92 6.72
CA ARG A 98 17.60 19.54 7.77
C ARG A 98 18.32 18.54 8.65
N THR A 99 18.12 17.24 8.46
CA THR A 99 18.68 16.24 9.38
C THR A 99 19.25 15.09 8.55
N GLY A 100 19.76 14.07 9.21
CA GLY A 100 20.24 12.92 8.46
C GLY A 100 19.15 11.89 8.27
N ALA A 101 17.92 12.26 8.65
CA ALA A 101 16.85 11.31 8.88
C ALA A 101 16.35 10.68 7.59
N LYS A 102 15.84 9.46 7.73
CA LYS A 102 15.11 8.80 6.67
C LYS A 102 13.78 8.27 7.23
N VAL A 103 12.85 8.03 6.34
CA VAL A 103 11.46 7.76 6.71
C VAL A 103 11.19 6.29 6.38
N ALA A 104 10.67 5.57 7.36
CA ALA A 104 10.11 4.26 7.12
C ALA A 104 8.60 4.33 7.34
N ALA A 105 7.88 3.59 6.51
CA ALA A 105 6.45 3.82 6.38
C ALA A 105 5.90 2.72 5.49
N ASN A 106 4.63 2.40 5.68
CA ASN A 106 4.10 1.36 4.84
C ASN A 106 3.72 1.94 3.46
N ALA A 107 3.42 1.03 2.54
CA ALA A 107 3.12 1.41 1.17
C ALA A 107 1.99 2.41 1.10
N GLU A 108 0.95 2.27 1.92
CA GLU A 108 -0.12 3.25 1.73
C GLU A 108 0.12 4.61 2.41
N SER A 109 0.82 4.65 3.52
CA SER A 109 1.24 5.94 4.06
C SER A 109 2.35 6.58 3.21
N ALA A 110 3.25 5.78 2.62
CA ALA A 110 4.23 6.31 1.64
C ALA A 110 3.56 7.02 0.48
N VAL A 111 2.48 6.45 -0.09
CA VAL A 111 1.89 7.14 -1.24
C VAL A 111 1.24 8.42 -0.78
N LEU A 112 0.57 8.40 0.37
CA LEU A 112 -0.13 9.61 0.76
C LEU A 112 0.87 10.66 1.09
N LEU A 113 1.94 10.24 1.76
CA LEU A 113 3.00 11.17 2.11
C LEU A 113 3.61 11.80 0.85
N ALA A 114 3.94 10.99 -0.16
CA ALA A 114 4.58 11.51 -1.38
C ALA A 114 3.67 12.42 -2.18
N ARG A 115 2.36 12.33 -2.03
CA ARG A 115 1.55 13.32 -2.70
C ARG A 115 1.08 14.38 -1.73
N GLY A 116 1.79 14.52 -0.62
CA GLY A 116 1.60 15.64 0.28
C GLY A 116 0.25 15.71 0.94
N GLY A 117 -0.48 14.57 1.04
CA GLY A 117 -1.79 14.54 1.68
C GLY A 117 -2.92 14.86 0.74
N SER A 118 -2.59 15.18 -0.49
CA SER A 118 -3.57 15.58 -1.47
C SER A 118 -4.39 14.35 -1.91
N ASP A 119 -5.51 14.62 -2.58
CA ASP A 119 -6.44 13.56 -2.97
C ASP A 119 -6.77 12.65 -1.79
N ASP A 120 -7.03 13.24 -0.62
CA ASP A 120 -7.37 12.39 0.53
C ASP A 120 -8.66 11.63 0.25
N LEU A 121 -8.73 10.40 0.74
CA LEU A 121 -9.93 9.60 0.52
C LEU A 121 -11.20 10.33 0.98
N HIS A 122 -11.09 11.26 1.94
CA HIS A 122 -12.28 11.97 2.38
C HIS A 122 -12.24 13.46 2.26
N PHE A 123 -11.06 14.09 2.32
CA PHE A 123 -10.96 15.54 2.31
C PHE A 123 -10.37 16.11 1.04
N GLY A 124 -10.33 15.33 -0.04
CA GLY A 124 -9.69 15.80 -1.26
C GLY A 124 -8.36 16.46 -1.00
N ASP A 125 -8.22 17.67 -1.54
CA ASP A 125 -6.99 18.46 -1.51
C ASP A 125 -7.03 19.58 -0.48
N GLY A 126 -7.98 19.52 0.44
CA GLY A 126 -8.00 20.48 1.50
C GLY A 126 -6.78 20.39 2.39
N ILE A 127 -6.35 19.18 2.71
CA ILE A 127 -5.41 18.97 3.79
C ILE A 127 -4.02 18.73 3.20
N THR A 128 -3.59 19.59 2.31
CA THR A 128 -2.40 19.34 1.52
C THR A 128 -1.20 19.99 2.22
N TYR A 129 -0.07 19.24 2.28
CA TYR A 129 1.19 19.65 2.91
C TYR A 129 2.43 19.21 2.13
N PRO A 130 3.64 19.53 2.61
CA PRO A 130 4.85 19.28 1.82
C PRO A 130 5.21 17.80 1.66
N PRO A 131 5.17 17.30 0.43
CA PRO A 131 5.34 15.85 0.24
C PRO A 131 6.75 15.40 0.58
N ALA A 132 6.85 14.14 0.99
CA ALA A 132 8.13 13.52 1.24
C ALA A 132 8.12 12.11 0.63
N ASN A 133 9.31 11.65 0.26
CA ASN A 133 9.54 10.28 -0.20
C ASN A 133 9.99 9.42 0.95
N ALA A 134 9.52 8.19 0.94
CA ALA A 134 9.89 7.30 1.99
C ALA A 134 11.15 6.61 1.54
N ASP A 135 12.00 6.32 2.51
CA ASP A 135 13.25 5.64 2.21
C ASP A 135 13.14 4.15 2.42
N ARG A 136 12.15 3.72 3.17
CA ARG A 136 11.98 2.31 3.41
C ARG A 136 10.48 2.02 3.48
N ILE A 137 10.07 0.92 2.86
CA ILE A 137 8.67 0.48 2.85
C ILE A 137 8.55 -0.66 3.85
N VAL A 138 7.55 -0.64 4.74
CA VAL A 138 7.47 -1.68 5.74
C VAL A 138 6.21 -2.49 5.57
N MET A 139 6.34 -3.78 5.87
CA MET A 139 5.28 -4.77 5.82
C MET A 139 4.64 -4.94 7.20
N ASP A 140 3.41 -5.40 7.21
CA ASP A 140 2.75 -5.52 8.50
C ASP A 140 3.56 -6.49 9.35
N GLY A 141 3.68 -6.16 10.65
CA GLY A 141 4.54 -6.90 11.57
C GLY A 141 6.04 -6.75 11.37
N GLU A 142 6.51 -5.95 10.42
CA GLU A 142 7.95 -5.82 10.23
C GLU A 142 8.59 -5.10 11.41
N VAL A 143 9.82 -5.50 11.73
CA VAL A 143 10.56 -4.96 12.85
C VAL A 143 11.76 -4.15 12.35
N ILE A 144 11.94 -2.99 12.97
CA ILE A 144 13.07 -2.09 12.75
C ILE A 144 13.75 -1.92 14.09
N THR A 145 15.07 -2.10 14.10
CA THR A 145 15.82 -1.97 15.33
C THR A 145 16.93 -0.95 15.15
N VAL A 146 17.14 -0.13 16.18
CA VAL A 146 18.12 0.94 16.13
C VAL A 146 18.80 1.00 17.50
N GLY A 147 20.08 0.64 17.54
CA GLY A 147 20.83 0.71 18.79
C GLY A 147 20.14 0.02 19.94
N GLY A 148 19.53 -1.13 19.66
CA GLY A 148 18.98 -1.98 20.69
C GLY A 148 17.48 -1.92 20.81
N ILE A 149 16.85 -0.80 20.44
CA ILE A 149 15.40 -0.69 20.56
C ILE A 149 14.80 -1.28 19.30
N VAL A 150 13.63 -1.87 19.46
CA VAL A 150 13.04 -2.72 18.47
C VAL A 150 11.62 -2.25 18.27
N PHE A 151 11.31 -1.86 17.04
CA PHE A 151 10.04 -1.26 16.71
C PHE A 151 9.27 -2.24 15.84
N THR A 152 7.98 -2.37 16.10
CA THR A 152 7.15 -3.27 15.33
C THR A 152 5.94 -2.54 14.82
N ALA A 153 5.77 -2.57 13.50
CA ALA A 153 4.59 -2.03 12.83
C ALA A 153 3.43 -2.98 12.98
N HIS A 154 2.28 -2.43 13.35
CA HIS A 154 1.01 -3.13 13.40
C HIS A 154 0.03 -2.31 12.58
N PHE A 155 -0.40 -2.83 11.42
CA PHE A 155 -1.29 -2.02 10.59
C PHE A 155 -2.64 -1.97 11.28
N MET A 156 -3.26 -0.79 11.23
CA MET A 156 -4.57 -0.58 11.77
C MET A 156 -5.32 0.35 10.84
N ALA A 157 -5.53 -0.15 9.62
CA ALA A 157 -6.22 0.63 8.62
C ALA A 157 -7.55 1.13 9.18
N GLY A 158 -7.91 2.33 8.74
CA GLY A 158 -9.20 2.92 9.08
C GLY A 158 -9.22 4.42 8.95
N HIS A 159 -8.65 5.10 9.94
CA HIS A 159 -8.55 6.53 9.87
C HIS A 159 -7.90 6.95 8.56
N THR A 160 -6.84 6.25 8.19
CA THR A 160 -6.11 6.32 6.95
C THR A 160 -5.92 4.89 6.48
N PRO A 161 -6.03 4.62 5.18
CA PRO A 161 -5.68 3.27 4.69
C PRO A 161 -4.39 2.74 5.29
N GLY A 162 -3.41 3.62 5.49
CA GLY A 162 -2.12 3.24 6.01
C GLY A 162 -1.83 3.48 7.48
N SER A 163 -2.82 3.90 8.27
CA SER A 163 -2.71 4.02 9.72
C SER A 163 -1.92 2.88 10.34
N THR A 164 -0.80 3.20 11.02
CA THR A 164 0.02 2.19 11.69
C THR A 164 0.08 2.42 13.20
N ALA A 165 0.27 1.34 13.94
CA ALA A 165 0.76 1.39 15.31
C ALA A 165 2.18 0.86 15.40
N TRP A 166 3.02 1.59 16.12
CA TRP A 166 4.35 1.12 16.45
C TRP A 166 4.45 0.67 17.92
N THR A 167 5.19 -0.41 18.16
CA THR A 167 5.40 -0.90 19.51
C THR A 167 6.89 -1.09 19.74
N TRP A 168 7.37 -0.62 20.88
CA TRP A 168 8.72 -0.89 21.33
C TRP A 168 8.72 -0.92 22.84
N THR A 169 9.71 -1.62 23.39
CA THR A 169 9.92 -1.65 24.83
C THR A 169 11.24 -0.96 25.13
N ASP A 170 11.27 -0.17 26.19
CA ASP A 170 12.55 0.24 26.76
C ASP A 170 12.43 0.25 28.29
N THR A 171 13.52 0.57 28.95
CA THR A 171 13.56 0.62 30.40
C THR A 171 12.76 1.82 30.86
N ARG A 172 12.96 2.22 32.12
CA ARG A 172 12.15 3.24 32.76
C ARG A 172 12.38 3.07 34.24
N ASN A 173 11.40 2.45 34.90
CA ASN A 173 11.56 2.01 36.27
C ASN A 173 12.54 0.84 36.30
N GLY A 174 13.53 0.82 35.41
CA GLY A 174 14.36 -0.35 35.29
C GLY A 174 13.68 -1.55 34.65
N LYS A 175 12.41 -1.80 34.97
CA LYS A 175 11.74 -2.87 34.25
C LYS A 175 11.36 -2.42 32.86
N PRO A 176 11.20 -3.36 31.95
CA PRO A 176 10.65 -3.02 30.65
C PRO A 176 9.33 -2.27 30.79
N VAL A 177 9.02 -1.47 29.77
CA VAL A 177 7.71 -0.87 29.57
C VAL A 177 7.35 -1.08 28.11
N ARG A 178 6.23 -1.72 27.86
CA ARG A 178 5.81 -2.03 26.51
C ARG A 178 4.97 -0.88 26.00
N ILE A 179 5.54 -0.10 25.08
CA ILE A 179 4.94 1.18 24.68
C ILE A 179 4.20 0.95 23.38
N ALA A 180 2.91 1.18 23.39
CA ALA A 180 2.08 1.13 22.20
C ALA A 180 1.70 2.57 21.86
N TYR A 181 2.24 3.07 20.76
CA TYR A 181 1.82 4.32 20.13
C TYR A 181 0.81 3.95 19.05
N ALA A 182 -0.48 4.14 19.34
CA ALA A 182 -1.56 3.65 18.50
C ALA A 182 -2.14 4.79 17.69
N ASP A 183 -2.47 4.51 16.44
CA ASP A 183 -2.88 5.60 15.58
C ASP A 183 -4.30 5.96 15.95
N SER A 184 -4.74 7.08 15.44
CA SER A 184 -6.14 7.45 15.56
C SER A 184 -7.05 6.33 15.07
N LEU A 185 -8.13 6.13 15.83
CA LEU A 185 -9.25 5.27 15.44
C LEU A 185 -10.49 6.07 15.16
N SER A 186 -10.38 7.38 15.17
CA SER A 186 -11.44 8.28 14.72
C SER A 186 -11.77 8.15 13.22
N ALA A 187 -12.98 8.66 12.85
CA ALA A 187 -13.60 8.71 11.51
C ALA A 187 -14.42 9.96 11.21
N PRO A 188 -13.82 11.15 11.18
CA PRO A 188 -14.59 12.41 11.29
C PRO A 188 -15.22 12.88 9.99
N GLY A 189 -16.56 12.88 9.97
CA GLY A 189 -17.26 13.21 8.75
C GLY A 189 -17.20 12.13 7.71
N TYR A 190 -16.65 10.97 8.04
CA TYR A 190 -16.41 9.98 7.02
C TYR A 190 -17.73 9.33 6.70
N GLN A 191 -18.06 9.26 5.41
CA GLN A 191 -19.02 8.28 4.92
C GLN A 191 -18.48 6.89 5.17
N LEU A 192 -19.13 6.13 6.04
CA LEU A 192 -18.60 4.86 6.50
C LEU A 192 -18.92 3.71 5.55
N GLN A 193 -20.02 3.81 4.81
CA GLN A 193 -20.64 2.65 4.23
C GLN A 193 -20.96 2.92 2.78
N GLY A 194 -20.77 1.92 1.94
CA GLY A 194 -20.86 2.17 0.50
C GLY A 194 -20.02 3.35 0.09
N ASN A 195 -18.82 3.48 0.65
CA ASN A 195 -17.90 4.54 0.23
C ASN A 195 -17.09 4.10 -0.99
N PRO A 196 -17.27 4.71 -2.16
CA PRO A 196 -16.59 4.16 -3.36
C PRO A 196 -15.07 4.20 -3.26
N ARG A 197 -14.50 5.10 -2.45
CA ARG A 197 -13.05 5.22 -2.30
C ARG A 197 -12.46 4.32 -1.26
N TYR A 198 -13.31 3.63 -0.47
CA TYR A 198 -12.89 2.74 0.62
C TYR A 198 -14.03 1.77 0.91
N PRO A 199 -14.23 0.74 0.06
CA PRO A 199 -15.38 -0.14 0.29
C PRO A 199 -15.26 -1.04 1.51
N HIS A 200 -14.06 -1.46 1.92
CA HIS A 200 -13.96 -2.24 3.13
C HIS A 200 -13.74 -1.38 4.36
N LEU A 201 -14.08 -0.11 4.30
CA LEU A 201 -13.85 0.77 5.44
C LEU A 201 -14.41 0.18 6.75
N ILE A 202 -15.69 -0.15 6.78
CA ILE A 202 -16.26 -0.68 8.03
C ILE A 202 -15.48 -1.92 8.49
N GLU A 203 -15.26 -2.86 7.57
CA GLU A 203 -14.49 -4.05 7.89
C GLU A 203 -13.12 -3.67 8.49
N ASP A 204 -12.38 -2.77 7.83
CA ASP A 204 -11.02 -2.46 8.29
C ASP A 204 -11.04 -1.91 9.72
N TYR A 205 -11.80 -0.82 9.97
CA TYR A 205 -11.94 -0.31 11.32
C TYR A 205 -12.24 -1.44 12.30
N ARG A 206 -13.17 -2.30 11.91
CA ARG A 206 -13.55 -3.43 12.75
C ARG A 206 -12.32 -4.23 13.14
N ARG A 207 -11.54 -4.70 12.17
CA ARG A 207 -10.31 -5.41 12.48
C ARG A 207 -9.26 -4.55 13.22
N SER A 208 -9.29 -3.22 13.07
CA SER A 208 -8.29 -2.38 13.74
C SER A 208 -8.58 -2.20 15.22
N PHE A 209 -9.86 -2.08 15.59
CA PHE A 209 -10.19 -2.17 17.02
C PHE A 209 -9.54 -3.41 17.64
N ALA A 210 -9.78 -4.59 17.05
CA ALA A 210 -9.22 -5.82 17.59
C ALA A 210 -7.70 -5.73 17.68
N THR A 211 -7.07 -5.25 16.60
CA THR A 211 -5.62 -5.10 16.59
C THR A 211 -5.15 -4.26 17.76
N VAL A 212 -5.77 -3.09 17.97
CA VAL A 212 -5.37 -2.20 19.07
C VAL A 212 -5.55 -2.87 20.42
N ARG A 213 -6.67 -3.57 20.64
CA ARG A 213 -6.83 -4.32 21.89
C ARG A 213 -5.63 -5.21 22.16
N ALA A 214 -5.17 -5.95 21.14
CA ALA A 214 -4.12 -6.95 21.38
C ALA A 214 -2.73 -6.36 21.57
N LEU A 215 -2.56 -5.06 21.40
CA LEU A 215 -1.22 -4.49 21.40
C LEU A 215 -0.50 -4.81 22.70
N PRO A 216 0.80 -5.16 22.65
CA PRO A 216 1.61 -5.09 23.85
C PRO A 216 1.63 -3.67 24.36
N CYS A 217 0.80 -3.42 25.36
CA CYS A 217 0.38 -2.07 25.72
C CYS A 217 0.51 -1.89 27.21
N ASP A 218 1.74 -1.67 27.67
CA ASP A 218 1.88 -1.13 29.01
C ASP A 218 1.41 0.32 29.04
N VAL A 219 1.96 1.13 28.17
CA VAL A 219 1.60 2.54 28.08
C VAL A 219 1.09 2.80 26.69
N LEU A 220 -0.15 3.26 26.60
CA LEU A 220 -0.70 3.80 25.38
C LEU A 220 -0.37 5.29 25.27
N LEU A 221 0.05 5.72 24.08
CA LEU A 221 0.06 7.13 23.73
C LEU A 221 -0.53 7.27 22.33
N THR A 222 -1.26 8.35 22.10
CA THR A 222 -1.87 8.60 20.80
C THR A 222 -1.36 9.92 20.21
N PRO A 223 -1.38 10.06 18.87
CA PRO A 223 -0.86 11.31 18.25
C PRO A 223 -1.58 12.58 18.68
N HIS A 224 -2.91 12.52 18.84
CA HIS A 224 -3.62 13.54 19.63
C HIS A 224 -3.64 13.10 21.09
N PRO A 225 -2.80 13.70 21.94
CA PRO A 225 -2.62 13.20 23.33
C PRO A 225 -3.91 12.83 24.03
N GLY A 226 -4.92 13.68 23.88
CA GLY A 226 -6.21 13.50 24.51
C GLY A 226 -7.01 12.33 24.03
N ALA A 227 -6.65 11.75 22.90
CA ALA A 227 -7.38 10.59 22.42
C ALA A 227 -7.30 9.41 23.40
N SER A 228 -6.25 9.38 24.21
CA SER A 228 -6.03 8.37 25.22
C SER A 228 -5.97 8.98 26.63
N ASN A 229 -6.62 10.12 26.84
CA ASN A 229 -6.62 10.83 28.13
C ASN A 229 -5.23 11.04 28.70
N TRP A 230 -4.28 11.28 27.81
CA TRP A 230 -3.11 11.97 28.32
C TRP A 230 -3.43 13.45 28.44
N ASP A 231 -2.55 14.14 29.16
CA ASP A 231 -2.62 15.59 29.23
C ASP A 231 -1.18 16.06 29.44
N TYR A 232 -0.50 16.31 28.32
CA TYR A 232 0.88 16.76 28.29
C TYR A 232 1.04 18.07 29.04
N ALA A 233 -0.09 18.60 29.52
CA ALA A 233 -0.15 19.79 30.37
C ALA A 233 -0.41 19.43 31.83
N ALA A 234 0.19 18.33 32.31
CA ALA A 234 0.17 17.94 33.72
C ALA A 234 1.52 17.27 34.04
N GLY A 235 2.60 17.98 33.75
CA GLY A 235 3.93 17.64 34.20
C GLY A 235 4.22 16.16 34.20
N ALA A 236 4.49 15.59 35.37
CA ALA A 236 4.67 14.17 35.53
C ALA A 236 3.36 13.43 35.81
N ARG A 237 2.21 14.12 35.74
CA ARG A 237 0.89 13.50 35.77
C ARG A 237 0.20 13.53 34.41
N ALA A 238 0.98 13.46 33.34
CA ALA A 238 0.42 13.45 31.99
C ALA A 238 -0.41 12.19 31.80
N GLY A 239 0.26 11.05 31.83
CA GLY A 239 -0.40 9.78 31.65
C GLY A 239 -0.98 9.24 32.95
N ALA A 240 -1.32 10.13 33.86
CA ALA A 240 -1.83 9.68 35.15
C ALA A 240 -3.10 8.89 34.97
N LYS A 241 -4.07 9.50 34.32
CA LYS A 241 -5.27 8.80 33.86
C LYS A 241 -5.14 8.29 32.42
N ALA A 242 -3.95 7.84 31.99
CA ALA A 242 -3.76 7.32 30.65
C ALA A 242 -4.56 6.03 30.45
N LEU A 243 -5.30 5.97 29.34
CA LEU A 243 -6.03 4.76 28.96
C LEU A 243 -5.09 3.62 28.60
N THR A 244 -5.72 2.49 28.43
CA THR A 244 -5.07 1.30 27.99
C THR A 244 -5.65 0.96 26.63
N CYS A 245 -4.83 0.30 25.82
CA CYS A 245 -5.24 -0.07 24.47
C CYS A 245 -6.65 -0.63 24.45
N LYS A 246 -6.95 -1.58 25.35
CA LYS A 246 -8.28 -2.15 25.39
C LYS A 246 -9.32 -1.04 25.56
N ALA A 247 -9.01 -0.05 26.39
CA ALA A 247 -9.97 1.01 26.69
C ALA A 247 -10.13 1.94 25.49
N TYR A 248 -9.03 2.57 25.09
CA TYR A 248 -8.93 3.33 23.84
C TYR A 248 -9.74 2.67 22.72
N ALA A 249 -9.48 1.39 22.48
CA ALA A 249 -10.14 0.63 21.41
C ALA A 249 -11.64 0.52 21.63
N ASP A 250 -12.07 0.06 22.80
CA ASP A 250 -13.51 -0.07 23.01
C ASP A 250 -14.19 1.27 22.93
N ALA A 251 -13.47 2.33 23.32
CA ALA A 251 -13.99 3.68 23.20
C ALA A 251 -14.32 4.04 21.75
N ALA A 252 -13.34 3.85 20.86
CA ALA A 252 -13.50 4.21 19.46
C ALA A 252 -14.58 3.37 18.78
N GLU A 253 -14.56 2.05 19.00
CA GLU A 253 -15.60 1.21 18.44
C GLU A 253 -16.97 1.67 18.89
N GLN A 254 -17.06 2.12 20.12
CA GLN A 254 -18.35 2.51 20.62
C GLN A 254 -18.80 3.78 19.90
N LYS A 255 -17.92 4.78 19.78
CA LYS A 255 -18.27 5.96 19.01
C LYS A 255 -18.48 5.62 17.54
N PHE A 256 -17.64 4.75 16.98
CA PHE A 256 -17.85 4.31 15.60
C PHE A 256 -19.24 3.74 15.42
N ASP A 257 -19.62 2.79 16.29
CA ASP A 257 -20.96 2.19 16.18
C ASP A 257 -22.04 3.26 16.22
N GLY A 258 -21.80 4.35 16.97
CA GLY A 258 -22.78 5.42 17.10
C GLY A 258 -22.86 6.26 15.84
N GLN A 259 -21.66 6.60 15.32
CA GLN A 259 -21.54 7.19 13.99
C GLN A 259 -22.32 6.38 12.97
N LEU A 260 -22.04 5.09 12.91
CA LEU A 260 -22.74 4.21 11.97
C LEU A 260 -24.23 4.27 12.19
N ALA A 261 -24.65 4.19 13.45
CA ALA A 261 -26.08 4.22 13.76
C ALA A 261 -26.76 5.41 13.12
N LYS A 262 -26.16 6.60 13.26
CA LYS A 262 -26.82 7.80 12.72
C LYS A 262 -26.73 7.85 11.19
N GLU A 263 -25.73 7.21 10.57
CA GLU A 263 -25.68 7.21 9.11
C GLU A 263 -26.79 6.34 8.53
N THR A 264 -27.08 5.23 9.19
CA THR A 264 -28.14 4.33 8.74
C THR A 264 -29.51 4.77 9.28
N ALA A 265 -29.73 6.09 9.42
CA ALA A 265 -31.05 6.62 9.79
C ALA A 265 -31.78 7.06 8.52
N GLY A 266 -31.83 8.36 8.24
CA GLY A 266 -32.40 8.87 6.98
C GLY A 266 -33.37 10.04 7.12
N GLU B 1 35.88 2.23 -21.64
CA GLU B 1 35.22 2.19 -22.94
C GLU B 1 34.06 1.17 -22.90
N VAL B 2 33.61 0.76 -24.09
CA VAL B 2 32.48 -0.15 -24.35
C VAL B 2 31.14 0.51 -23.98
N PRO B 3 30.24 0.69 -24.94
CA PRO B 3 28.97 1.37 -24.66
C PRO B 3 28.12 0.70 -23.59
N LEU B 4 27.33 1.54 -22.91
CA LEU B 4 26.44 1.10 -21.85
C LEU B 4 25.38 0.16 -22.39
N PRO B 5 24.71 0.45 -23.51
CA PRO B 5 23.83 -0.55 -24.10
C PRO B 5 24.58 -1.79 -24.54
N GLN B 6 25.87 -1.70 -24.83
CA GLN B 6 26.61 -2.91 -25.16
C GLN B 6 26.57 -3.90 -24.03
N LEU B 7 26.65 -3.41 -22.79
CA LEU B 7 26.46 -4.31 -21.67
C LEU B 7 26.15 -3.60 -20.33
N ARG B 8 24.88 -3.63 -19.84
CA ARG B 8 23.63 -4.20 -20.48
C ARG B 8 23.53 -5.72 -20.70
N ALA B 9 22.31 -6.24 -20.89
CA ALA B 9 22.16 -7.60 -21.40
C ALA B 9 20.71 -7.93 -21.78
N TYR B 10 20.26 -9.17 -21.50
CA TYR B 10 18.86 -9.63 -21.45
C TYR B 10 18.71 -11.01 -22.09
N THR B 11 18.03 -11.94 -21.39
CA THR B 11 17.49 -13.17 -22.00
C THR B 11 16.21 -12.79 -22.74
N VAL B 12 16.24 -12.91 -24.05
CA VAL B 12 15.03 -12.83 -24.84
C VAL B 12 14.95 -14.17 -25.57
N ASP B 13 14.39 -15.17 -24.89
CA ASP B 13 14.12 -16.45 -25.52
C ASP B 13 12.99 -16.28 -26.51
N ALA B 14 13.19 -16.77 -27.74
CA ALA B 14 12.11 -16.73 -28.73
C ALA B 14 10.90 -17.53 -28.26
N SER B 15 11.14 -18.68 -27.61
CA SER B 15 10.11 -19.57 -27.10
C SER B 15 9.08 -18.77 -26.29
N TRP B 16 9.40 -18.41 -25.04
CA TRP B 16 8.63 -17.37 -24.36
C TRP B 16 8.77 -16.09 -25.20
N LEU B 17 7.86 -15.15 -25.00
CA LEU B 17 7.83 -14.00 -25.90
C LEU B 17 7.65 -14.44 -27.36
N GLN B 18 6.83 -15.50 -27.57
CA GLN B 18 6.43 -15.93 -28.91
C GLN B 18 5.23 -15.14 -29.41
N PRO B 19 5.41 -14.12 -30.26
CA PRO B 19 4.29 -13.28 -30.70
C PRO B 19 3.11 -14.08 -31.20
N MET B 20 1.90 -13.65 -30.80
CA MET B 20 0.63 -14.25 -31.15
C MET B 20 -0.32 -13.17 -31.66
N ALA B 21 -1.37 -13.59 -32.27
CA ALA B 21 -2.48 -12.77 -32.74
C ALA B 21 -3.62 -12.78 -31.72
N PRO B 22 -4.44 -11.75 -31.74
CA PRO B 22 -5.50 -11.63 -30.73
C PRO B 22 -6.45 -12.82 -30.72
N LEU B 23 -6.61 -13.44 -29.53
CA LEU B 23 -7.51 -14.55 -29.29
C LEU B 23 -8.77 -14.08 -28.56
N GLN B 24 -9.93 -14.27 -29.17
CA GLN B 24 -11.19 -13.71 -28.66
C GLN B 24 -11.67 -14.53 -27.47
N ILE B 25 -11.69 -13.90 -26.31
CA ILE B 25 -12.11 -14.56 -25.07
C ILE B 25 -13.60 -14.40 -24.84
N ALA B 26 -14.13 -13.21 -25.10
CA ALA B 26 -15.53 -12.89 -25.06
C ALA B 26 -15.75 -11.76 -26.05
N ASP B 27 -16.96 -11.20 -26.04
CA ASP B 27 -17.39 -10.27 -27.07
C ASP B 27 -16.52 -9.04 -27.16
N HIS B 28 -16.09 -8.49 -26.03
CA HIS B 28 -15.23 -7.32 -26.06
C HIS B 28 -13.84 -7.57 -25.50
N THR B 29 -13.50 -8.82 -25.15
CA THR B 29 -12.32 -9.17 -24.38
C THR B 29 -11.48 -10.15 -25.18
N TRP B 30 -10.15 -9.97 -25.13
CA TRP B 30 -9.20 -10.52 -26.09
C TRP B 30 -7.83 -10.76 -25.47
N GLN B 31 -7.20 -11.90 -25.78
CA GLN B 31 -5.80 -12.14 -25.45
C GLN B 31 -4.93 -11.58 -26.59
N ILE B 32 -4.17 -10.51 -26.29
CA ILE B 32 -3.25 -9.90 -27.25
C ILE B 32 -1.78 -10.04 -26.86
N GLY B 33 -1.45 -10.94 -25.94
CA GLY B 33 -0.06 -11.10 -25.48
C GLY B 33 0.67 -12.22 -26.20
N THR B 34 1.45 -12.98 -25.42
CA THR B 34 2.25 -14.14 -25.82
C THR B 34 1.50 -15.43 -25.52
N GLU B 35 1.92 -16.48 -26.21
CA GLU B 35 1.38 -17.79 -25.86
C GLU B 35 1.61 -18.10 -24.38
N ASP B 36 2.55 -17.43 -23.74
CA ASP B 36 3.05 -17.81 -22.44
C ASP B 36 2.78 -16.73 -21.41
N LEU B 37 2.15 -15.63 -21.84
CA LEU B 37 1.97 -14.45 -21.01
C LEU B 37 0.69 -13.74 -21.39
N THR B 38 -0.21 -13.58 -20.42
CA THR B 38 -1.49 -12.95 -20.68
C THR B 38 -1.33 -11.43 -20.79
N ALA B 39 -1.95 -10.85 -21.82
CA ALA B 39 -2.26 -9.43 -21.88
C ALA B 39 -3.64 -9.34 -22.47
N LEU B 40 -4.52 -8.59 -21.83
CA LEU B 40 -5.96 -8.58 -22.12
C LEU B 40 -6.40 -7.18 -22.46
N LEU B 41 -7.02 -7.05 -23.62
CA LEU B 41 -7.62 -5.83 -24.09
C LEU B 41 -9.13 -6.00 -24.01
N VAL B 42 -9.79 -5.12 -23.24
CA VAL B 42 -11.25 -5.01 -23.23
C VAL B 42 -11.63 -3.76 -24.02
N GLN B 43 -12.45 -3.92 -25.05
CA GLN B 43 -12.75 -2.82 -25.97
C GLN B 43 -14.15 -2.29 -25.74
N THR B 44 -14.26 -0.97 -25.54
CA THR B 44 -15.51 -0.33 -25.19
C THR B 44 -15.69 0.92 -26.05
N PRO B 45 -16.93 1.37 -26.24
CA PRO B 45 -17.16 2.57 -27.04
C PRO B 45 -16.62 3.84 -26.41
N ASP B 46 -16.12 3.79 -25.18
CA ASP B 46 -15.51 4.97 -24.56
C ASP B 46 -14.05 4.71 -24.23
N GLY B 47 -13.42 3.78 -24.96
CA GLY B 47 -12.00 3.53 -24.81
C GLY B 47 -11.74 2.09 -24.44
N ALA B 48 -10.47 1.75 -24.47
CA ALA B 48 -10.10 0.36 -24.24
C ALA B 48 -9.25 0.28 -22.99
N VAL B 49 -9.34 -0.89 -22.38
CA VAL B 49 -8.67 -1.20 -21.13
C VAL B 49 -7.66 -2.28 -21.42
N LEU B 50 -6.59 -2.32 -20.65
CA LEU B 50 -5.53 -3.31 -20.87
C LEU B 50 -5.10 -3.87 -19.53
N LEU B 51 -5.14 -5.18 -19.40
CA LEU B 51 -4.78 -5.79 -18.12
C LEU B 51 -3.49 -6.59 -18.34
N ASP B 52 -2.40 -6.10 -17.74
CA ASP B 52 -1.06 -6.64 -17.90
C ASP B 52 -0.57 -6.34 -19.30
N GLY B 53 0.74 -6.36 -19.54
CA GLY B 53 1.24 -6.21 -20.89
C GLY B 53 2.34 -7.18 -21.23
N GLY B 54 2.75 -8.00 -20.26
CA GLY B 54 3.90 -8.86 -20.50
C GLY B 54 5.27 -8.27 -20.15
N MET B 55 6.26 -8.55 -20.99
CA MET B 55 7.65 -8.24 -20.75
C MET B 55 7.99 -6.87 -21.27
N PRO B 56 9.05 -6.26 -20.77
CA PRO B 56 9.45 -4.93 -21.25
C PRO B 56 9.37 -4.75 -22.76
N GLN B 57 9.81 -5.75 -23.51
CA GLN B 57 10.06 -5.61 -24.93
C GLN B 57 8.81 -5.85 -25.77
N MET B 58 7.63 -5.94 -25.15
CA MET B 58 6.44 -6.27 -25.91
C MET B 58 5.59 -5.05 -26.27
N ALA B 59 6.00 -3.84 -25.94
CA ALA B 59 5.19 -2.68 -26.29
C ALA B 59 4.71 -2.76 -27.75
N SER B 60 5.64 -2.70 -28.69
CA SER B 60 5.25 -2.62 -30.10
C SER B 60 4.27 -3.74 -30.47
N HIS B 61 4.49 -4.94 -29.99
CA HIS B 61 3.56 -6.03 -30.26
C HIS B 61 2.18 -5.70 -29.73
N LEU B 62 2.08 -5.29 -28.46
CA LEU B 62 0.78 -4.97 -27.92
C LEU B 62 0.10 -4.00 -28.83
N LEU B 63 0.85 -2.96 -29.20
CA LEU B 63 0.28 -1.92 -30.02
C LEU B 63 -0.12 -2.48 -31.36
N ASP B 64 0.61 -3.48 -31.85
CA ASP B 64 0.23 -4.06 -33.13
C ASP B 64 -1.05 -4.84 -32.97
N ASN B 65 -1.16 -5.66 -31.93
CA ASN B 65 -2.42 -6.34 -31.74
C ASN B 65 -3.56 -5.36 -31.48
N MET B 66 -3.29 -4.24 -30.81
CA MET B 66 -4.33 -3.23 -30.71
C MET B 66 -4.69 -2.70 -32.09
N LYS B 67 -3.67 -2.43 -32.91
CA LYS B 67 -3.86 -2.02 -34.31
C LYS B 67 -4.85 -2.95 -34.99
N ALA B 68 -4.49 -4.24 -35.07
CA ALA B 68 -5.35 -5.26 -35.66
C ALA B 68 -6.71 -5.31 -35.02
N ARG B 69 -6.83 -4.84 -33.79
CA ARG B 69 -8.11 -4.87 -33.10
C ARG B 69 -8.87 -3.57 -33.28
N GLY B 70 -8.35 -2.64 -34.08
CA GLY B 70 -8.99 -1.35 -34.28
C GLY B 70 -8.86 -0.35 -33.16
N VAL B 71 -8.00 -0.60 -32.17
CA VAL B 71 -7.76 0.34 -31.06
C VAL B 71 -6.50 1.12 -31.39
N THR B 72 -6.64 2.42 -31.54
CA THR B 72 -5.51 3.31 -31.79
C THR B 72 -4.81 3.66 -30.49
N PRO B 73 -3.66 4.32 -30.56
CA PRO B 73 -3.03 4.84 -29.34
C PRO B 73 -3.96 5.63 -28.46
N ARG B 74 -4.65 6.63 -29.00
CA ARG B 74 -5.45 7.47 -28.13
C ARG B 74 -6.67 6.75 -27.55
N ASP B 75 -7.12 5.63 -28.15
CA ASP B 75 -8.29 4.93 -27.64
C ASP B 75 -8.01 4.12 -26.38
N LEU B 76 -6.77 3.64 -26.19
CA LEU B 76 -6.41 2.94 -24.95
C LEU B 76 -6.51 3.89 -23.75
N ARG B 77 -7.48 3.65 -22.87
CA ARG B 77 -7.80 4.62 -21.83
C ARG B 77 -7.16 4.26 -20.50
N LEU B 78 -6.95 2.97 -20.26
CA LEU B 78 -6.61 2.51 -18.93
C LEU B 78 -5.74 1.28 -18.95
N ILE B 79 -4.78 1.27 -18.05
CA ILE B 79 -4.00 0.06 -17.78
C ILE B 79 -4.23 -0.41 -16.36
N LEU B 80 -4.56 -1.69 -16.23
CA LEU B 80 -4.67 -2.37 -14.95
C LEU B 80 -3.64 -3.48 -14.89
N LEU B 81 -3.18 -3.75 -13.69
CA LEU B 81 -2.13 -4.73 -13.46
C LEU B 81 -2.60 -5.85 -12.54
N SER B 82 -2.05 -7.03 -12.78
CA SER B 82 -2.16 -8.16 -11.87
C SER B 82 -1.17 -8.03 -10.71
N HIS B 83 0.13 -7.96 -11.02
CA HIS B 83 1.16 -7.58 -10.08
C HIS B 83 2.33 -7.03 -10.87
N ALA B 84 3.17 -6.30 -10.17
CA ALA B 84 4.05 -5.33 -10.81
C ALA B 84 5.45 -5.90 -10.96
N HIS B 85 5.55 -7.09 -11.54
CA HIS B 85 6.82 -7.75 -11.84
C HIS B 85 7.15 -7.54 -13.32
N ALA B 86 8.44 -7.64 -13.65
CA ALA B 86 8.92 -7.27 -14.99
C ALA B 86 8.22 -8.07 -16.11
N ASP B 87 7.88 -9.35 -15.88
CA ASP B 87 7.18 -10.13 -16.90
C ASP B 87 5.67 -9.84 -17.04
N HIS B 88 5.08 -8.93 -16.24
CA HIS B 88 3.66 -8.63 -16.43
C HIS B 88 3.44 -7.11 -16.58
N ALA B 89 4.26 -6.29 -15.92
CA ALA B 89 4.18 -4.84 -16.08
C ALA B 89 5.35 -4.28 -16.89
N GLY B 90 6.21 -5.13 -17.44
CA GLY B 90 7.40 -4.71 -18.15
C GLY B 90 7.24 -3.50 -19.07
N PRO B 91 6.24 -3.52 -19.95
CA PRO B 91 6.08 -2.41 -20.93
C PRO B 91 5.16 -1.26 -20.53
N VAL B 92 4.73 -1.15 -19.26
CA VAL B 92 3.72 -0.14 -18.87
C VAL B 92 4.25 1.26 -19.12
N ALA B 93 5.43 1.57 -18.58
CA ALA B 93 6.00 2.91 -18.78
C ALA B 93 5.99 3.31 -20.25
N GLU B 94 6.40 2.40 -21.14
CA GLU B 94 6.47 2.75 -22.57
C GLU B 94 5.06 2.93 -23.14
N LEU B 95 4.17 2.01 -22.80
CA LEU B 95 2.78 2.14 -23.20
C LEU B 95 2.21 3.47 -22.77
N LYS B 96 2.46 3.92 -21.55
CA LYS B 96 1.92 5.23 -21.19
C LYS B 96 2.53 6.29 -22.10
N ARG B 97 3.84 6.18 -22.36
CA ARG B 97 4.51 7.21 -23.13
C ARG B 97 3.99 7.21 -24.55
N ARG B 98 3.58 6.07 -25.08
CA ARG B 98 3.17 6.03 -26.48
C ARG B 98 1.65 6.08 -26.70
N THR B 99 0.87 6.30 -25.64
CA THR B 99 -0.57 6.07 -25.64
C THR B 99 -1.27 7.10 -24.75
N GLY B 100 -2.59 7.20 -24.89
CA GLY B 100 -3.37 7.94 -23.91
C GLY B 100 -3.49 7.30 -22.52
N ALA B 101 -2.96 6.11 -22.31
CA ALA B 101 -3.37 5.26 -21.22
C ALA B 101 -2.90 5.80 -19.88
N LYS B 102 -3.74 5.63 -18.86
CA LYS B 102 -3.39 5.95 -17.48
C LYS B 102 -3.48 4.68 -16.67
N VAL B 103 -2.71 4.62 -15.59
CA VAL B 103 -2.58 3.40 -14.80
C VAL B 103 -3.34 3.52 -13.49
N ALA B 104 -3.99 2.43 -13.12
CA ALA B 104 -4.68 2.28 -11.84
C ALA B 104 -4.11 1.04 -11.18
N ALA B 105 -3.77 1.15 -9.89
CA ALA B 105 -3.09 0.08 -9.16
C ALA B 105 -3.33 0.35 -7.68
N ASN B 106 -3.28 -0.70 -6.87
CA ASN B 106 -3.38 -0.46 -5.44
C ASN B 106 -2.06 0.11 -4.99
N ALA B 107 -2.00 0.42 -3.69
CA ALA B 107 -0.87 1.19 -3.18
C ALA B 107 0.41 0.37 -3.14
N GLU B 108 0.33 -0.94 -2.98
CA GLU B 108 1.57 -1.67 -2.98
C GLU B 108 2.05 -1.89 -4.41
N SER B 109 1.12 -2.13 -5.33
CA SER B 109 1.56 -2.31 -6.69
C SER B 109 2.12 -1.01 -7.21
N ALA B 110 1.59 0.14 -6.80
CA ALA B 110 2.14 1.35 -7.38
C ALA B 110 3.53 1.65 -6.85
N VAL B 111 3.83 1.25 -5.61
CA VAL B 111 5.17 1.46 -5.07
C VAL B 111 6.21 0.62 -5.82
N LEU B 112 5.87 -0.64 -6.11
CA LEU B 112 6.80 -1.51 -6.84
C LEU B 112 6.98 -1.02 -8.28
N LEU B 113 5.88 -0.59 -8.90
CA LEU B 113 5.90 -0.08 -10.25
C LEU B 113 6.84 1.12 -10.38
N ALA B 114 6.75 2.08 -9.46
CA ALA B 114 7.58 3.27 -9.57
C ALA B 114 9.04 2.98 -9.21
N ARG B 115 9.30 1.88 -8.53
CA ARG B 115 10.63 1.39 -8.21
C ARG B 115 11.20 0.53 -9.34
N GLY B 116 10.42 0.31 -10.40
CA GLY B 116 10.81 -0.59 -11.47
C GLY B 116 11.00 -2.02 -11.01
N GLY B 117 10.21 -2.46 -10.05
CA GLY B 117 10.37 -3.78 -9.55
C GLY B 117 11.66 -4.00 -8.81
N SER B 118 12.46 -2.98 -8.62
CA SER B 118 13.65 -3.19 -7.83
C SER B 118 13.30 -3.22 -6.36
N ASP B 119 14.27 -3.63 -5.57
CA ASP B 119 14.03 -3.79 -4.14
C ASP B 119 12.90 -4.76 -3.89
N ASP B 120 12.83 -5.82 -4.67
CA ASP B 120 11.76 -6.79 -4.50
C ASP B 120 11.94 -7.49 -3.17
N LEU B 121 10.83 -7.93 -2.58
CA LEU B 121 10.91 -8.51 -1.27
C LEU B 121 11.67 -9.85 -1.30
N HIS B 122 11.46 -10.65 -2.32
CA HIS B 122 12.26 -11.85 -2.46
C HIS B 122 13.44 -11.68 -3.42
N PHE B 123 13.44 -10.70 -4.34
CA PHE B 123 14.41 -10.64 -5.45
C PHE B 123 15.25 -9.38 -5.49
N GLY B 124 15.33 -8.62 -4.39
CA GLY B 124 15.96 -7.33 -4.41
C GLY B 124 15.94 -6.71 -5.79
N ASP B 125 17.10 -6.29 -6.30
CA ASP B 125 17.15 -5.55 -7.55
C ASP B 125 17.31 -6.46 -8.74
N GLY B 126 16.99 -7.74 -8.60
CA GLY B 126 17.37 -8.70 -9.63
C GLY B 126 16.71 -8.44 -10.97
N ILE B 127 15.50 -7.88 -10.97
CA ILE B 127 14.66 -7.90 -12.14
C ILE B 127 14.03 -6.55 -12.39
N THR B 128 14.85 -5.61 -12.77
CA THR B 128 14.36 -4.27 -12.96
C THR B 128 13.76 -4.11 -14.34
N TYR B 129 12.91 -3.10 -14.46
CA TYR B 129 12.31 -2.73 -15.72
C TYR B 129 11.96 -1.27 -15.57
N PRO B 130 11.51 -0.63 -16.64
CA PRO B 130 11.30 0.81 -16.61
C PRO B 130 10.24 1.20 -15.60
N PRO B 131 10.57 2.05 -14.65
CA PRO B 131 9.56 2.49 -13.68
C PRO B 131 8.41 3.21 -14.35
N ALA B 132 7.25 3.18 -13.68
CA ALA B 132 6.08 3.93 -14.17
C ALA B 132 5.32 4.45 -12.96
N ASN B 133 4.58 5.53 -13.13
CA ASN B 133 3.78 6.06 -12.02
C ASN B 133 2.33 5.74 -12.22
N ALA B 134 1.68 5.39 -11.13
CA ALA B 134 0.26 5.17 -11.16
C ALA B 134 -0.47 6.51 -11.13
N ASP B 135 -1.48 6.60 -11.95
CA ASP B 135 -2.29 7.80 -11.99
C ASP B 135 -3.41 7.78 -10.97
N ARG B 136 -3.83 6.61 -10.56
CA ARG B 136 -4.94 6.44 -9.64
C ARG B 136 -4.57 5.30 -8.72
N ILE B 137 -4.82 5.50 -7.47
CA ILE B 137 -4.60 4.45 -6.50
C ILE B 137 -5.96 3.83 -6.13
N VAL B 138 -6.00 2.50 -6.01
CA VAL B 138 -7.28 1.84 -5.80
C VAL B 138 -7.27 1.18 -4.44
N MET B 139 -8.46 1.15 -3.83
CA MET B 139 -8.71 0.50 -2.56
C MET B 139 -9.36 -0.87 -2.83
N ASP B 140 -9.25 -1.78 -1.87
CA ASP B 140 -9.79 -3.10 -2.13
C ASP B 140 -11.31 -3.03 -2.27
N GLY B 141 -11.87 -3.83 -3.19
CA GLY B 141 -13.25 -3.68 -3.63
C GLY B 141 -13.57 -2.47 -4.51
N GLU B 142 -12.60 -1.61 -4.84
CA GLU B 142 -12.94 -0.44 -5.67
C GLU B 142 -13.28 -0.81 -7.13
N VAL B 143 -13.95 0.11 -7.80
CA VAL B 143 -14.65 -0.16 -9.04
C VAL B 143 -14.27 0.88 -10.08
N ILE B 144 -14.13 0.41 -11.32
CA ILE B 144 -13.73 1.28 -12.43
C ILE B 144 -14.60 0.92 -13.63
N THR B 145 -15.29 1.90 -14.16
CA THR B 145 -16.18 1.68 -15.29
C THR B 145 -15.56 2.38 -16.49
N VAL B 146 -15.44 1.65 -17.56
CA VAL B 146 -15.05 2.21 -18.82
C VAL B 146 -16.12 1.84 -19.82
N GLY B 147 -16.83 2.82 -20.31
CA GLY B 147 -17.94 2.56 -21.23
C GLY B 147 -18.74 1.28 -21.05
N GLY B 148 -19.31 1.03 -19.86
CA GLY B 148 -20.24 -0.05 -19.67
C GLY B 148 -19.67 -1.31 -19.03
N ILE B 149 -18.35 -1.57 -19.15
CA ILE B 149 -17.76 -2.71 -18.46
C ILE B 149 -17.38 -2.23 -17.08
N VAL B 150 -17.74 -3.00 -16.05
CA VAL B 150 -17.40 -2.67 -14.68
C VAL B 150 -16.32 -3.62 -14.18
N PHE B 151 -15.13 -3.07 -13.94
CA PHE B 151 -14.04 -3.81 -13.34
C PHE B 151 -14.05 -3.65 -11.82
N THR B 152 -13.73 -4.72 -11.11
CA THR B 152 -13.65 -4.65 -9.69
C THR B 152 -12.35 -5.25 -9.22
N ALA B 153 -11.67 -4.53 -8.32
CA ALA B 153 -10.48 -5.05 -7.68
C ALA B 153 -10.77 -5.86 -6.44
N HIS B 154 -10.05 -6.96 -6.32
CA HIS B 154 -10.09 -7.89 -5.18
C HIS B 154 -8.63 -8.15 -4.80
N PHE B 155 -8.13 -7.51 -3.73
CA PHE B 155 -6.74 -7.74 -3.36
C PHE B 155 -6.55 -9.21 -3.03
N MET B 156 -5.36 -9.76 -3.40
CA MET B 156 -4.98 -11.11 -3.00
C MET B 156 -3.45 -11.17 -2.83
N ALA B 157 -2.98 -10.50 -1.81
CA ALA B 157 -1.58 -10.43 -1.45
C ALA B 157 -0.94 -11.79 -1.27
N GLY B 158 0.29 -11.92 -1.77
CA GLY B 158 1.09 -13.12 -1.62
C GLY B 158 2.26 -13.20 -2.59
N HIS B 159 1.97 -13.56 -3.83
CA HIS B 159 2.98 -13.46 -4.87
C HIS B 159 3.68 -12.11 -4.80
N THR B 160 2.89 -11.03 -4.72
CA THR B 160 3.36 -9.72 -4.29
C THR B 160 2.33 -9.09 -3.37
N PRO B 161 2.76 -8.26 -2.44
CA PRO B 161 1.79 -7.60 -1.59
C PRO B 161 0.71 -6.94 -2.40
N GLY B 162 1.00 -6.49 -3.60
CA GLY B 162 -0.03 -5.81 -4.35
C GLY B 162 -0.86 -6.68 -5.27
N SER B 163 -0.56 -7.98 -5.30
CA SER B 163 -1.34 -8.92 -6.08
C SER B 163 -2.83 -8.60 -6.00
N THR B 164 -3.46 -8.48 -7.16
CA THR B 164 -4.83 -8.08 -7.31
C THR B 164 -5.50 -8.97 -8.34
N ALA B 165 -6.75 -9.36 -8.09
CA ALA B 165 -7.61 -9.97 -9.09
C ALA B 165 -8.53 -8.90 -9.60
N TRP B 166 -8.73 -8.88 -10.91
CA TRP B 166 -9.73 -8.02 -11.50
C TRP B 166 -10.88 -8.89 -12.04
N THR B 167 -12.07 -8.36 -11.97
CA THR B 167 -13.25 -9.06 -12.41
C THR B 167 -14.13 -8.04 -13.10
N TRP B 168 -14.91 -8.52 -14.06
CA TRP B 168 -15.77 -7.71 -14.90
C TRP B 168 -16.61 -8.70 -15.65
N THR B 169 -17.67 -8.18 -16.26
CA THR B 169 -18.66 -9.03 -16.88
C THR B 169 -18.82 -8.56 -18.30
N ASP B 170 -18.56 -9.45 -19.22
CA ASP B 170 -18.69 -9.22 -20.64
C ASP B 170 -19.93 -9.99 -21.07
N THR B 171 -20.09 -10.14 -22.37
CA THR B 171 -21.06 -11.10 -22.86
C THR B 171 -20.37 -12.11 -23.76
N ARG B 172 -20.97 -13.27 -23.86
CA ARG B 172 -20.59 -14.27 -24.83
C ARG B 172 -21.90 -14.80 -25.38
N ASN B 173 -22.24 -14.42 -26.61
CA ASN B 173 -23.46 -14.86 -27.29
C ASN B 173 -24.71 -14.19 -26.68
N GLY B 174 -24.56 -12.97 -26.17
CA GLY B 174 -25.63 -12.33 -25.41
C GLY B 174 -25.69 -12.72 -23.94
N LYS B 175 -25.47 -13.98 -23.63
CA LYS B 175 -25.37 -14.39 -22.24
C LYS B 175 -24.20 -13.67 -21.56
N PRO B 176 -24.43 -12.88 -20.51
CA PRO B 176 -23.30 -12.29 -19.80
C PRO B 176 -22.39 -13.38 -19.25
N VAL B 177 -21.10 -13.04 -19.13
CA VAL B 177 -20.08 -13.97 -18.64
C VAL B 177 -19.18 -13.22 -17.67
N ARG B 178 -18.94 -13.84 -16.52
CA ARG B 178 -18.23 -13.20 -15.43
C ARG B 178 -16.75 -13.61 -15.50
N ILE B 179 -15.88 -12.66 -15.86
CA ILE B 179 -14.48 -12.98 -16.13
C ILE B 179 -13.66 -12.68 -14.90
N ALA B 180 -12.83 -13.64 -14.49
CA ALA B 180 -11.96 -13.47 -13.32
C ALA B 180 -10.54 -13.61 -13.86
N TYR B 181 -9.83 -12.49 -13.87
CA TYR B 181 -8.40 -12.44 -14.08
C TYR B 181 -7.76 -12.45 -12.71
N ALA B 182 -7.23 -13.58 -12.31
CA ALA B 182 -6.67 -13.73 -10.98
C ALA B 182 -5.16 -13.82 -11.11
N ASP B 183 -4.49 -13.10 -10.22
CA ASP B 183 -3.05 -13.07 -10.14
C ASP B 183 -2.55 -14.46 -9.83
N SER B 184 -1.23 -14.57 -9.80
CA SER B 184 -0.56 -15.76 -9.41
C SER B 184 -0.85 -16.02 -7.98
N LEU B 185 -0.88 -17.28 -7.62
CA LEU B 185 -0.81 -17.71 -6.25
C LEU B 185 0.50 -18.43 -5.97
N SER B 186 1.46 -18.38 -6.90
CA SER B 186 2.69 -19.13 -6.70
C SER B 186 3.59 -18.41 -5.71
N ALA B 187 4.55 -19.17 -5.15
CA ALA B 187 5.51 -18.66 -4.17
C ALA B 187 6.93 -19.10 -4.52
N PRO B 188 7.33 -19.06 -5.79
CA PRO B 188 8.56 -19.80 -6.19
C PRO B 188 9.85 -19.28 -5.58
N GLY B 189 10.47 -20.14 -4.78
CA GLY B 189 11.69 -19.82 -4.10
C GLY B 189 11.50 -18.95 -2.90
N TYR B 190 10.30 -18.44 -2.67
CA TYR B 190 10.07 -17.58 -1.52
C TYR B 190 10.41 -18.31 -0.23
N GLN B 191 11.31 -17.74 0.56
CA GLN B 191 11.28 -18.05 1.98
C GLN B 191 9.90 -17.70 2.49
N LEU B 192 9.25 -18.65 3.16
CA LEU B 192 7.87 -18.50 3.55
C LEU B 192 7.71 -18.19 5.03
N GLN B 193 8.36 -18.98 5.89
CA GLN B 193 8.19 -18.85 7.33
C GLN B 193 9.28 -17.95 7.87
N GLY B 194 8.90 -17.03 8.73
CA GLY B 194 9.86 -16.14 9.34
C GLY B 194 10.63 -15.35 8.30
N ASN B 195 9.92 -14.78 7.34
CA ASN B 195 10.50 -13.82 6.40
C ASN B 195 10.45 -12.44 7.03
N PRO B 196 11.57 -11.79 7.33
CA PRO B 196 11.48 -10.47 7.97
C PRO B 196 10.86 -9.44 7.05
N ARG B 197 11.12 -9.53 5.74
CA ARG B 197 10.51 -8.66 4.75
C ARG B 197 9.03 -8.94 4.50
N TYR B 198 8.45 -9.98 5.10
CA TYR B 198 7.05 -10.28 4.84
C TYR B 198 6.57 -11.16 5.97
N PRO B 199 6.40 -10.60 7.15
CA PRO B 199 6.03 -11.41 8.32
C PRO B 199 4.72 -12.17 8.20
N HIS B 200 3.70 -11.63 7.54
CA HIS B 200 2.40 -12.26 7.47
C HIS B 200 2.20 -13.05 6.18
N LEU B 201 3.29 -13.30 5.45
CA LEU B 201 3.20 -13.87 4.11
C LEU B 201 2.25 -15.05 4.10
N ILE B 202 2.46 -15.98 5.02
CA ILE B 202 1.64 -17.20 5.07
C ILE B 202 0.19 -16.85 5.29
N GLU B 203 -0.07 -16.00 6.28
CA GLU B 203 -1.43 -15.57 6.59
C GLU B 203 -2.10 -14.93 5.36
N ASP B 204 -1.37 -14.10 4.61
CA ASP B 204 -1.98 -13.42 3.45
C ASP B 204 -2.27 -14.42 2.33
N TYR B 205 -1.34 -15.37 2.10
CA TYR B 205 -1.55 -16.41 1.08
C TYR B 205 -2.80 -17.23 1.40
N ARG B 206 -2.94 -17.65 2.66
CA ARG B 206 -4.16 -18.30 3.10
C ARG B 206 -5.39 -17.50 2.71
N ARG B 207 -5.43 -16.24 3.12
CA ARG B 207 -6.61 -15.43 2.78
C ARG B 207 -6.83 -15.33 1.28
N SER B 208 -5.74 -15.31 0.50
CA SER B 208 -5.91 -15.14 -0.93
C SER B 208 -6.41 -16.41 -1.59
N PHE B 209 -6.11 -17.58 -1.03
CA PHE B 209 -6.70 -18.81 -1.58
C PHE B 209 -8.20 -18.74 -1.48
N ALA B 210 -8.67 -18.43 -0.28
CA ALA B 210 -10.08 -18.17 -0.02
C ALA B 210 -10.60 -17.14 -1.00
N THR B 211 -9.96 -15.98 -1.04
CA THR B 211 -10.46 -14.92 -1.90
C THR B 211 -10.61 -15.40 -3.32
N VAL B 212 -9.67 -16.21 -3.81
CA VAL B 212 -9.75 -16.54 -5.23
C VAL B 212 -10.88 -17.52 -5.46
N ARG B 213 -11.08 -18.40 -4.46
CA ARG B 213 -12.04 -19.49 -4.57
C ARG B 213 -13.44 -18.94 -4.76
N ALA B 214 -13.68 -17.77 -4.18
CA ALA B 214 -15.01 -17.23 -4.04
C ALA B 214 -15.30 -16.14 -5.05
N LEU B 215 -14.49 -16.05 -6.04
CA LEU B 215 -14.62 -14.98 -7.01
C LEU B 215 -15.79 -15.24 -7.92
N PRO B 216 -16.43 -14.19 -8.44
CA PRO B 216 -17.35 -14.40 -9.56
C PRO B 216 -16.53 -14.70 -10.80
N CYS B 217 -16.76 -15.89 -11.36
CA CYS B 217 -15.70 -16.61 -12.03
C CYS B 217 -16.23 -17.68 -12.95
N ASP B 218 -17.10 -17.26 -13.88
CA ASP B 218 -17.47 -18.11 -14.99
C ASP B 218 -16.25 -18.48 -15.84
N VAL B 219 -15.26 -17.59 -15.90
CA VAL B 219 -14.09 -17.77 -16.76
C VAL B 219 -12.88 -17.23 -16.01
N LEU B 220 -12.01 -18.13 -15.58
CA LEU B 220 -10.75 -17.79 -14.94
C LEU B 220 -9.69 -17.65 -16.03
N LEU B 221 -8.92 -16.56 -15.96
CA LEU B 221 -7.73 -16.36 -16.75
C LEU B 221 -6.58 -16.09 -15.79
N THR B 222 -5.36 -16.17 -16.30
CA THR B 222 -4.25 -16.07 -15.38
C THR B 222 -3.04 -15.50 -16.08
N PRO B 223 -2.16 -14.79 -15.38
CA PRO B 223 -1.07 -14.08 -16.08
C PRO B 223 -0.17 -15.03 -16.88
N HIS B 224 0.13 -16.18 -16.30
CA HIS B 224 0.75 -17.27 -17.03
C HIS B 224 -0.40 -18.21 -17.35
N PRO B 225 -0.80 -18.33 -18.61
CA PRO B 225 -2.08 -18.98 -18.92
C PRO B 225 -2.16 -20.42 -18.47
N GLY B 226 -1.04 -21.10 -18.39
CA GLY B 226 -1.02 -22.49 -17.96
C GLY B 226 -1.24 -22.66 -16.49
N ALA B 227 -1.01 -21.60 -15.72
CA ALA B 227 -1.44 -21.60 -14.34
C ALA B 227 -2.91 -22.00 -14.25
N SER B 228 -3.71 -21.62 -15.24
CA SER B 228 -5.13 -21.96 -15.27
C SER B 228 -5.50 -22.89 -16.44
N ASN B 229 -4.54 -23.71 -16.90
CA ASN B 229 -4.76 -24.68 -17.99
C ASN B 229 -5.44 -24.08 -19.22
N TRP B 230 -4.99 -22.88 -19.61
CA TRP B 230 -5.36 -22.33 -20.89
C TRP B 230 -4.29 -22.73 -21.91
N ASP B 231 -4.69 -22.78 -23.16
CA ASP B 231 -3.72 -23.04 -24.23
C ASP B 231 -4.05 -22.03 -25.33
N TYR B 232 -3.50 -20.82 -25.21
CA TYR B 232 -3.75 -19.81 -26.22
C TYR B 232 -3.24 -20.24 -27.59
N ALA B 233 -2.31 -21.19 -27.64
CA ALA B 233 -1.91 -21.78 -28.90
C ALA B 233 -3.05 -22.55 -29.58
N ALA B 234 -4.13 -22.88 -28.85
CA ALA B 234 -5.13 -23.80 -29.36
C ALA B 234 -6.41 -23.13 -29.90
N GLY B 235 -6.32 -21.89 -30.39
CA GLY B 235 -7.51 -21.23 -30.92
C GLY B 235 -8.74 -21.43 -30.04
N ALA B 236 -9.85 -21.88 -30.65
CA ALA B 236 -11.15 -21.90 -29.99
C ALA B 236 -11.23 -22.89 -28.85
N ARG B 237 -10.32 -23.87 -28.84
CA ARG B 237 -10.16 -24.78 -27.74
C ARG B 237 -9.14 -24.28 -26.73
N ALA B 238 -8.75 -23.01 -26.81
CA ALA B 238 -7.78 -22.50 -25.86
C ALA B 238 -8.29 -22.66 -24.44
N GLY B 239 -9.56 -22.28 -24.21
CA GLY B 239 -10.14 -22.31 -22.88
C GLY B 239 -10.77 -23.61 -22.50
N ALA B 240 -10.80 -24.56 -23.43
CA ALA B 240 -11.61 -25.76 -23.27
C ALA B 240 -11.28 -26.52 -21.98
N LYS B 241 -10.00 -26.75 -21.70
CA LYS B 241 -9.59 -27.47 -20.48
C LYS B 241 -9.37 -26.52 -19.30
N ALA B 242 -9.72 -25.25 -19.45
CA ALA B 242 -9.44 -24.27 -18.43
C ALA B 242 -10.02 -24.69 -17.09
N LEU B 243 -9.21 -24.62 -16.05
CA LEU B 243 -9.78 -24.93 -14.75
C LEU B 243 -10.48 -23.70 -14.15
N THR B 244 -11.15 -23.92 -13.03
CA THR B 244 -11.98 -22.89 -12.45
C THR B 244 -11.24 -22.21 -11.31
N CYS B 245 -11.80 -21.11 -10.83
CA CYS B 245 -11.18 -20.44 -9.70
C CYS B 245 -10.91 -21.41 -8.57
N LYS B 246 -11.93 -22.18 -8.17
CA LYS B 246 -11.76 -23.11 -7.05
C LYS B 246 -10.60 -24.07 -7.30
N ALA B 247 -10.53 -24.63 -8.50
CA ALA B 247 -9.46 -25.58 -8.78
C ALA B 247 -8.09 -24.91 -8.72
N TYR B 248 -7.97 -23.73 -9.34
CA TYR B 248 -6.74 -22.96 -9.25
C TYR B 248 -6.35 -22.74 -7.80
N ALA B 249 -7.30 -22.32 -6.97
CA ALA B 249 -6.96 -21.99 -5.58
C ALA B 249 -6.54 -23.24 -4.80
N ASP B 250 -7.31 -24.33 -4.90
CA ASP B 250 -6.92 -25.55 -4.18
C ASP B 250 -5.60 -26.07 -4.74
N ALA B 251 -5.49 -26.14 -6.06
CA ALA B 251 -4.20 -26.38 -6.69
C ALA B 251 -3.12 -25.58 -5.99
N ALA B 252 -3.30 -24.26 -5.93
CA ALA B 252 -2.25 -23.43 -5.37
C ALA B 252 -2.01 -23.77 -3.91
N GLU B 253 -3.10 -24.07 -3.17
CA GLU B 253 -2.96 -24.29 -1.74
C GLU B 253 -2.24 -25.60 -1.46
N GLN B 254 -2.54 -26.65 -2.20
CA GLN B 254 -1.83 -27.90 -1.96
C GLN B 254 -0.36 -27.76 -2.32
N LYS B 255 -0.06 -27.21 -3.52
CA LYS B 255 1.32 -26.83 -3.82
C LYS B 255 1.94 -26.00 -2.69
N PHE B 256 1.25 -24.92 -2.29
CA PHE B 256 1.78 -24.06 -1.23
C PHE B 256 2.10 -24.85 0.04
N ASP B 257 1.14 -25.63 0.54
CA ASP B 257 1.38 -26.45 1.72
C ASP B 257 2.57 -27.38 1.53
N GLY B 258 2.89 -27.76 0.29
CA GLY B 258 4.04 -28.64 0.06
C GLY B 258 5.37 -27.95 0.25
N GLN B 259 5.55 -26.77 -0.35
CA GLN B 259 6.79 -26.02 -0.12
C GLN B 259 7.01 -25.77 1.35
N LEU B 260 5.93 -25.63 2.11
CA LEU B 260 6.07 -25.22 3.50
C LEU B 260 6.56 -26.37 4.38
N ALA B 261 6.16 -27.60 4.07
CA ALA B 261 6.79 -28.75 4.70
C ALA B 261 8.29 -28.76 4.45
N LYS B 262 8.71 -28.79 3.17
CA LYS B 262 10.13 -28.91 2.84
C LYS B 262 10.95 -27.85 3.55
N GLU B 263 10.37 -26.68 3.77
CA GLU B 263 11.07 -25.63 4.49
C GLU B 263 11.12 -25.91 5.98
N THR B 264 10.03 -26.44 6.51
CA THR B 264 10.03 -26.93 7.88
C THR B 264 10.58 -28.36 7.91
N ALA B 265 11.52 -28.65 7.00
CA ALA B 265 12.19 -29.93 7.00
C ALA B 265 13.31 -29.92 8.05
N GLY B 266 14.44 -29.29 7.75
CA GLY B 266 15.56 -29.21 8.68
C GLY B 266 15.81 -30.48 9.47
ZN ZN C . -5.81 12.28 10.63
ZN ZN D . -4.95 14.04 13.46
N01 51I E . -6.89 17.45 13.30
C02 51I E . -7.56 16.26 13.73
N03 51I E . -7.05 15.01 13.75
C04 51I E . -7.93 14.08 14.22
C05 51I E . -7.57 12.61 14.29
O06 51I E . -8.53 11.79 14.32
O07 51I E . -6.38 12.19 14.24
C08 51I E . -9.24 14.53 14.60
C09 51I E . -10.44 13.77 15.14
C10 51I E . -11.60 14.60 15.77
C11 51I E . -11.74 14.63 17.16
C12 51I E . -12.77 15.34 17.75
C13 51I E . -13.69 16.04 16.98
C14 51I E . -14.83 16.83 17.66
C15 51I E . -15.58 15.97 18.70
C16 51I E . -16.89 16.54 19.26
C17 51I E . -13.56 16.01 15.59
C18 51I E . -12.53 15.29 14.99
S19 51I E . -9.17 16.17 14.29
S SCN F . -8.11 13.41 10.41
C SCN F . -9.50 14.53 10.54
N SCN F . -10.36 15.30 10.80
ZN ZN G . 5.62 -12.36 -10.35
ZN ZN H . 5.15 -13.99 -13.69
N01 51I I . 8.40 -15.49 -14.17
C02 51I I . 7.46 -16.31 -13.42
N03 51I I . 6.36 -15.87 -12.80
C04 51I I . 5.65 -16.81 -12.15
C05 51I I . 4.35 -16.43 -11.45
O06 51I I . 3.72 -17.26 -10.73
O07 51I I . 3.93 -15.26 -11.66
C08 51I I . 6.17 -18.14 -12.19
C09 51I I . 5.57 -19.43 -11.57
C10 51I I . 4.84 -20.17 -12.71
C11 51I I . 3.51 -20.55 -12.61
C12 51I I . 2.87 -21.21 -13.66
C13 51I I . 3.54 -21.49 -14.84
C14 51I I . 2.82 -22.24 -15.99
C15 51I I . 3.30 -21.92 -17.42
C16 51I I . 3.68 -23.15 -18.26
C17 51I I . 4.86 -21.11 -14.95
C18 51I I . 5.50 -20.46 -13.90
S19 51I I . 7.60 -17.98 -13.09
S SCN J . 7.93 -14.63 -10.26
C SCN J . 9.02 -15.85 -9.60
N SCN J . 9.76 -16.63 -9.16
#